data_1BMA
#
_entry.id   1BMA
#
_cell.length_a   52.160
_cell.length_b   57.680
_cell.length_c   75.520
_cell.angle_alpha   90.00
_cell.angle_beta   90.00
_cell.angle_gamma   90.00
#
_symmetry.space_group_name_H-M   'P 21 21 21'
#
loop_
_entity.id
_entity.type
_entity.pdbx_description
1 polymer 'Chymotrypsin-like elastase family member 1'
2 non-polymer 'CALCIUM ION'
3 non-polymer 'SULFATE ION'
4 non-polymer (1R)-1-benzyl-1-methyl-1-(2-{[4-(1-methylethyl)phenyl]amino}-2-oxoethyl)-2-{(2S)-4-methyl-2-[(trifluoroacetyl)amino]pentanoyl}diazanium
5 water water
#
_entity_poly.entity_id   1
_entity_poly.type   'polypeptide(L)'
_entity_poly.pdbx_seq_one_letter_code
;VVGGTEAQRNSWPSQISLQYRSGSSWAHTCGGTLIRQNWVMTAAHCVDRELTFRVVVGEHNLNQNNGTEQYVGVQKIVVH
PYWNTDDVAAGYDIALLRLAQSVTLNSYVQLGVLPRAGTILANNSPCYITGWGLTRTNGQLAQTLQQAYLPTVDYAICSS
SSYWGSTVKNSMVCAGGDGVRSGCQGDSGGPLHCLVNGQYAVHGVTSFVSRLGCNVTRKPTVFTRVSAYISWINNVIASN
;
_entity_poly.pdbx_strand_id   A
#
loop_
_chem_comp.id
_chem_comp.type
_chem_comp.name
_chem_comp.formula
0QH peptide-like (1R)-1-benzyl-1-methyl-1-(2-{[4-(1-methylethyl)phenyl]amino}-2-oxoethyl)-2-{(2S)-4-methyl-2-[(trifluoroacetyl)amino]pentanoyl}diazanium 'C27 H36 F3 N4 O3 1'
CA non-polymer 'CALCIUM ION' 'Ca 2'
SO4 non-polymer 'SULFATE ION' 'O4 S -2'
#
# COMPACT_ATOMS: atom_id res chain seq x y z
N VAL A 1 4.33 7.59 -6.74
CA VAL A 1 5.52 6.82 -7.09
C VAL A 1 6.48 7.75 -7.84
N VAL A 2 7.71 7.92 -7.35
CA VAL A 2 8.74 8.69 -8.03
C VAL A 2 9.50 7.73 -8.95
N GLY A 3 9.84 8.12 -10.18
CA GLY A 3 10.66 7.25 -11.04
C GLY A 3 9.89 6.05 -11.57
N GLY A 4 8.57 6.18 -11.64
CA GLY A 4 7.74 5.09 -12.12
C GLY A 4 7.42 5.21 -13.61
N THR A 5 6.64 4.23 -14.11
CA THR A 5 6.15 4.20 -15.48
C THR A 5 4.67 3.92 -15.36
N GLU A 6 3.88 4.17 -16.40
CA GLU A 6 2.46 3.99 -16.27
C GLU A 6 2.15 2.49 -16.29
N ALA A 7 1.26 1.99 -15.42
CA ALA A 7 0.88 0.58 -15.45
C ALA A 7 -0.18 0.28 -16.53
N GLN A 8 -0.21 -0.96 -17.10
CA GLN A 8 -1.30 -1.38 -17.99
C GLN A 8 -2.61 -1.50 -17.20
N ARG A 9 -3.82 -1.40 -17.82
CA ARG A 9 -5.10 -1.45 -17.10
C ARG A 9 -5.40 -2.60 -16.17
N ASN A 10 -5.14 -3.82 -16.59
CA ASN A 10 -5.48 -4.99 -15.79
C ASN A 10 -4.24 -5.66 -15.20
N SER A 11 -3.16 -4.87 -15.12
CA SER A 11 -1.92 -5.38 -14.58
C SER A 11 -2.02 -5.60 -13.08
N TRP A 12 -2.67 -4.71 -12.29
CA TRP A 12 -2.64 -4.87 -10.84
C TRP A 12 -4.05 -4.76 -10.27
N PRO A 13 -4.92 -5.73 -10.50
CA PRO A 13 -6.34 -5.60 -10.30
C PRO A 13 -6.82 -5.69 -8.85
N SER A 14 -5.91 -5.94 -7.90
CA SER A 14 -6.26 -5.86 -6.48
C SER A 14 -5.99 -4.46 -5.91
N GLN A 15 -5.33 -3.56 -6.68
CA GLN A 15 -5.11 -2.19 -6.26
C GLN A 15 -6.42 -1.41 -6.12
N ILE A 16 -6.61 -0.69 -5.00
CA ILE A 16 -7.77 0.18 -4.85
C ILE A 16 -7.30 1.62 -4.55
N SER A 17 -8.19 2.62 -4.77
CA SER A 17 -7.96 4.00 -4.40
C SER A 17 -8.88 4.27 -3.21
N LEU A 18 -8.33 4.76 -2.12
CA LEU A 18 -9.11 5.11 -0.95
C LEU A 18 -9.24 6.62 -1.03
N GLN A 19 -10.48 7.10 -0.96
CA GLN A 19 -10.81 8.49 -1.23
C GLN A 19 -11.59 9.08 -0.10
N TYR A 20 -11.46 10.35 0.19
CA TYR A 20 -12.35 10.95 1.18
C TYR A 20 -13.18 12.07 0.57
N ARG A 21 -14.33 12.42 1.14
CA ARG A 21 -15.17 13.47 0.59
C ARG A 21 -14.59 14.79 1.00
N SER A 22 -14.42 15.56 -0.05
CA SER A 22 -13.77 16.85 0.04
C SER A 22 -14.77 17.79 -0.62
N GLY A 23 -15.58 18.42 0.25
CA GLY A 23 -16.63 19.33 -0.16
C GLY A 23 -17.74 18.59 -0.88
N SER A 24 -17.74 18.87 -2.18
CA SER A 24 -18.72 18.30 -3.12
C SER A 24 -18.19 17.09 -3.88
N SER A 25 -16.87 16.99 -3.87
CA SER A 25 -16.15 15.94 -4.59
C SER A 25 -15.44 14.95 -3.66
N TRP A 26 -14.62 14.08 -4.26
CA TRP A 26 -13.88 13.04 -3.57
C TRP A 26 -12.44 13.14 -3.99
N ALA A 27 -11.49 13.10 -3.09
CA ALA A 27 -10.08 13.21 -3.40
C ALA A 27 -9.33 11.90 -3.03
N HIS A 28 -8.37 11.45 -3.84
CA HIS A 28 -7.57 10.28 -3.49
C HIS A 28 -6.63 10.62 -2.32
N THR A 29 -6.60 9.79 -1.29
CA THR A 29 -5.62 9.98 -0.23
C THR A 29 -4.62 8.80 -0.06
N CYS A 30 -5.02 7.59 -0.43
CA CYS A 30 -4.23 6.41 -0.15
C CYS A 30 -4.53 5.27 -1.12
N GLY A 31 -3.61 4.31 -1.21
CA GLY A 31 -3.91 3.10 -1.94
C GLY A 31 -4.36 2.04 -0.92
N GLY A 32 -4.64 0.85 -1.42
CA GLY A 32 -4.97 -0.29 -0.57
C GLY A 32 -4.97 -1.54 -1.45
N THR A 33 -5.27 -2.67 -0.85
CA THR A 33 -5.36 -3.95 -1.54
C THR A 33 -6.69 -4.62 -1.26
N LEU A 34 -7.45 -5.03 -2.27
CA LEU A 34 -8.68 -5.77 -2.08
C LEU A 34 -8.31 -7.19 -1.61
N ILE A 35 -8.72 -7.65 -0.41
CA ILE A 35 -8.32 -8.97 0.04
C ILE A 35 -9.49 -9.92 0.10
N ARG A 36 -10.71 -9.40 0.22
CA ARG A 36 -11.94 -10.16 0.13
C ARG A 36 -12.90 -9.30 -0.68
N GLN A 37 -14.03 -9.81 -1.18
CA GLN A 37 -14.99 -9.01 -1.91
C GLN A 37 -15.56 -7.85 -1.10
N ASN A 38 -15.51 -7.94 0.23
CA ASN A 38 -15.96 -6.85 1.07
C ASN A 38 -14.92 -6.40 2.09
N TRP A 39 -13.63 -6.73 1.94
CA TRP A 39 -12.58 -6.28 2.85
C TRP A 39 -11.41 -5.75 2.04
N VAL A 40 -10.88 -4.60 2.51
CA VAL A 40 -9.71 -3.91 1.94
C VAL A 40 -8.61 -3.79 3.00
N MET A 41 -7.36 -4.03 2.65
CA MET A 41 -6.26 -3.83 3.57
C MET A 41 -5.55 -2.52 3.24
N THR A 42 -5.24 -1.64 4.20
CA THR A 42 -4.56 -0.37 3.91
C THR A 42 -3.67 -0.04 5.12
N ALA A 43 -3.03 1.13 5.18
CA ALA A 43 -2.24 1.52 6.34
C ALA A 43 -3.14 2.20 7.38
N ALA A 44 -2.89 1.98 8.69
CA ALA A 44 -3.62 2.67 9.73
C ALA A 44 -3.47 4.20 9.69
N HIS A 45 -2.32 4.75 9.28
CA HIS A 45 -2.20 6.20 9.22
C HIS A 45 -3.11 6.82 8.15
N CYS A 46 -3.63 6.04 7.18
CA CYS A 46 -4.57 6.55 6.18
C CYS A 46 -5.94 6.88 6.78
N VAL A 47 -6.31 6.24 7.90
CA VAL A 47 -7.62 6.45 8.49
C VAL A 47 -7.50 7.11 9.87
N ASP A 48 -6.37 7.76 10.16
CA ASP A 48 -6.28 8.50 11.41
C ASP A 48 -7.29 9.63 11.51
N ARG A 49 -7.54 10.38 10.43
CA ARG A 49 -8.56 11.42 10.48
C ARG A 49 -9.92 10.83 10.22
N GLU A 50 -10.88 11.34 11.01
CA GLU A 50 -12.24 10.88 10.97
C GLU A 50 -13.04 11.56 9.87
N LEU A 51 -12.91 10.99 8.65
CA LEU A 51 -13.43 11.54 7.41
C LEU A 51 -14.42 10.56 6.84
N THR A 52 -15.18 10.96 5.81
CA THR A 52 -16.04 10.06 5.07
C THR A 52 -15.20 9.41 3.95
N PHE A 53 -15.09 8.07 3.96
CA PHE A 53 -14.24 7.35 3.04
C PHE A 53 -15.07 6.48 2.13
N ARG A 54 -14.55 6.36 0.91
CA ARG A 54 -15.07 5.40 -0.05
C ARG A 54 -13.87 4.73 -0.72
N VAL A 55 -14.14 3.59 -1.36
CA VAL A 55 -13.14 2.78 -2.03
C VAL A 55 -13.60 2.72 -3.48
N VAL A 56 -12.59 2.88 -4.32
CA VAL A 56 -12.82 2.68 -5.74
C VAL A 56 -11.96 1.52 -6.23
N VAL A 57 -12.63 0.48 -6.75
CA VAL A 57 -11.92 -0.65 -7.36
C VAL A 57 -12.06 -0.55 -8.90
N GLY A 58 -11.14 -1.20 -9.64
CA GLY A 58 -11.17 -1.16 -11.10
C GLY A 58 -10.81 0.21 -11.65
N GLU A 59 -10.00 0.93 -10.87
CA GLU A 59 -9.62 2.27 -11.24
C GLU A 59 -8.30 2.30 -11.97
N HIS A 60 -8.26 3.15 -13.01
CA HIS A 60 -7.00 3.40 -13.67
C HIS A 60 -6.69 4.90 -13.83
N ASN A 61 -7.55 5.76 -14.44
CA ASN A 61 -7.25 7.18 -14.51
C ASN A 61 -8.08 7.88 -13.46
N LEU A 62 -7.54 8.58 -12.45
CA LEU A 62 -8.38 9.21 -11.42
C LEU A 62 -9.37 10.27 -11.89
N ASN A 63 -9.01 10.92 -12.99
CA ASN A 63 -9.79 12.02 -13.47
C ASN A 63 -10.70 11.70 -14.64
N GLN A 64 -10.74 10.47 -15.19
CA GLN A 64 -11.55 10.16 -16.38
C GLN A 64 -12.42 8.94 -16.21
N ASN A 65 -13.63 8.76 -16.73
CA ASN A 65 -14.29 7.48 -16.60
C ASN A 65 -13.58 6.44 -17.48
N ASN A 66 -13.30 5.29 -16.88
CA ASN A 66 -12.61 4.19 -17.53
C ASN A 66 -13.65 3.14 -17.93
N GLY A 67 -14.90 3.19 -17.47
CA GLY A 67 -15.89 2.18 -17.79
C GLY A 67 -15.68 0.93 -16.96
N THR A 68 -14.81 0.92 -15.95
CA THR A 68 -14.51 -0.27 -15.13
C THR A 68 -14.65 -0.10 -13.61
N GLU A 69 -14.97 1.12 -13.17
CA GLU A 69 -14.95 1.45 -11.75
C GLU A 69 -16.16 1.02 -10.99
N GLN A 70 -15.95 0.54 -9.75
CA GLN A 70 -17.05 0.28 -8.83
C GLN A 70 -16.71 1.12 -7.60
N TYR A 71 -17.71 1.83 -7.07
CA TYR A 71 -17.56 2.79 -5.98
C TYR A 71 -18.35 2.28 -4.78
N VAL A 72 -17.70 2.04 -3.64
CA VAL A 72 -18.43 1.47 -2.50
C VAL A 72 -18.01 2.15 -1.20
N GLY A 73 -18.94 2.31 -0.24
CA GLY A 73 -18.70 2.96 1.04
C GLY A 73 -17.98 2.04 2.02
N VAL A 74 -17.25 2.66 2.95
CA VAL A 74 -16.58 1.92 4.01
C VAL A 74 -17.57 1.87 5.16
N GLN A 75 -17.96 0.68 5.54
CA GLN A 75 -18.84 0.48 6.64
C GLN A 75 -18.11 0.33 8.00
N LYS A 76 -16.89 -0.23 8.13
CA LYS A 76 -16.28 -0.43 9.44
C LYS A 76 -14.78 -0.38 9.27
N ILE A 77 -14.05 0.31 10.16
CA ILE A 77 -12.60 0.45 10.09
C ILE A 77 -12.02 -0.25 11.34
N VAL A 78 -11.12 -1.23 11.12
CA VAL A 78 -10.51 -1.99 12.20
C VAL A 78 -9.06 -1.69 12.07
N VAL A 79 -8.52 -0.85 12.94
CA VAL A 79 -7.12 -0.53 12.93
C VAL A 79 -6.40 -1.54 13.84
N HIS A 80 -5.13 -1.92 13.60
CA HIS A 80 -4.40 -2.80 14.50
C HIS A 80 -4.44 -2.22 15.94
N PRO A 81 -4.80 -2.98 17.00
CA PRO A 81 -4.82 -2.54 18.42
C PRO A 81 -3.62 -1.77 18.95
N TYR A 82 -2.42 -2.11 18.47
CA TYR A 82 -1.19 -1.48 18.87
C TYR A 82 -0.69 -0.29 18.08
N TRP A 83 -1.44 0.17 17.05
CA TRP A 83 -1.05 1.29 16.19
C TRP A 83 -0.93 2.54 17.04
N ASN A 84 0.12 3.30 16.91
CA ASN A 84 0.19 4.54 17.66
C ASN A 84 0.56 5.61 16.67
N THR A 85 -0.35 6.54 16.41
CA THR A 85 -0.12 7.67 15.48
C THR A 85 1.16 8.49 15.69
N ASP A 86 1.53 8.67 16.98
CA ASP A 86 2.75 9.40 17.40
C ASP A 86 4.07 8.61 17.26
N ASP A 87 3.97 7.32 16.85
CA ASP A 87 5.15 6.48 16.65
C ASP A 87 4.98 5.53 15.46
N VAL A 88 4.98 6.01 14.17
CA VAL A 88 4.91 5.10 13.01
C VAL A 88 6.12 4.14 12.99
N ALA A 89 7.26 4.53 13.57
CA ALA A 89 8.45 3.71 13.59
C ALA A 89 8.31 2.52 14.54
N ALA A 90 7.29 2.52 15.40
CA ALA A 90 6.98 1.33 16.17
C ALA A 90 6.29 0.20 15.37
N GLY A 91 5.76 0.48 14.17
CA GLY A 91 5.10 -0.54 13.36
C GLY A 91 3.61 -0.48 13.57
N TYR A 92 2.97 -1.63 13.29
CA TYR A 92 1.54 -1.88 13.35
C TYR A 92 0.78 -0.93 12.43
N ASP A 93 1.41 -0.53 11.34
CA ASP A 93 0.71 0.38 10.43
C ASP A 93 -0.09 -0.40 9.41
N ILE A 94 -1.27 -0.84 9.90
CA ILE A 94 -2.19 -1.67 9.13
C ILE A 94 -3.59 -1.54 9.67
N ALA A 95 -4.52 -1.56 8.72
CA ALA A 95 -5.94 -1.42 9.02
C ALA A 95 -6.74 -2.18 7.98
N LEU A 96 -7.86 -2.72 8.40
CA LEU A 96 -8.76 -3.43 7.53
C LEU A 96 -10.09 -2.68 7.44
N LEU A 97 -10.62 -2.46 6.24
CA LEU A 97 -11.86 -1.74 6.01
C LEU A 97 -12.91 -2.70 5.49
N ARG A 98 -14.01 -2.81 6.22
CA ARG A 98 -15.14 -3.59 5.75
C ARG A 98 -16.01 -2.68 4.89
N LEU A 99 -16.25 -3.13 3.66
CA LEU A 99 -17.05 -2.42 2.70
C LEU A 99 -18.52 -2.62 2.90
N ALA A 100 -19.27 -1.59 2.49
CA ALA A 100 -20.69 -1.54 2.68
C ALA A 100 -21.34 -2.60 1.83
N GLN A 101 -20.74 -2.95 0.69
CA GLN A 101 -21.19 -4.12 -0.03
C GLN A 101 -20.05 -4.85 -0.73
N SER A 102 -20.34 -6.09 -1.14
CA SER A 102 -19.39 -6.89 -1.90
C SER A 102 -19.17 -6.40 -3.32
N VAL A 103 -17.92 -6.22 -3.76
CA VAL A 103 -17.66 -5.81 -5.12
C VAL A 103 -17.75 -7.06 -6.00
N THR A 104 -17.94 -6.81 -7.28
CA THR A 104 -18.04 -7.81 -8.31
C THR A 104 -16.66 -8.09 -8.88
N LEU A 105 -16.24 -9.36 -8.94
CA LEU A 105 -14.92 -9.63 -9.49
C LEU A 105 -14.98 -9.86 -10.98
N ASN A 106 -13.98 -9.34 -11.67
CA ASN A 106 -13.84 -9.46 -13.11
C ASN A 106 -12.40 -9.25 -13.53
N SER A 107 -11.96 -8.98 -14.77
CA SER A 107 -10.52 -8.86 -15.02
C SER A 107 -9.84 -7.61 -14.47
N TYR A 108 -10.68 -6.66 -14.04
CA TYR A 108 -10.23 -5.41 -13.47
C TYR A 108 -10.22 -5.41 -11.96
N VAL A 109 -11.03 -6.29 -11.37
CA VAL A 109 -11.23 -6.42 -9.94
C VAL A 109 -10.98 -7.86 -9.46
N GLN A 110 -9.83 -8.05 -8.80
CA GLN A 110 -9.41 -9.37 -8.32
C GLN A 110 -8.85 -9.28 -6.91
N LEU A 111 -8.93 -10.35 -6.13
CA LEU A 111 -8.39 -10.32 -4.79
C LEU A 111 -6.87 -10.45 -4.84
N GLY A 112 -6.24 -9.77 -3.90
CA GLY A 112 -4.82 -9.81 -3.72
C GLY A 112 -4.42 -11.08 -3.04
N VAL A 113 -3.27 -11.63 -3.41
CA VAL A 113 -2.79 -12.88 -2.87
C VAL A 113 -1.92 -12.50 -1.65
N LEU A 114 -2.23 -12.99 -0.43
CA LEU A 114 -1.37 -12.74 0.73
C LEU A 114 -0.24 -13.79 0.89
N PRO A 115 0.95 -13.45 1.39
CA PRO A 115 1.99 -14.42 1.75
C PRO A 115 1.61 -15.30 2.95
N ARG A 116 2.26 -16.47 3.04
CA ARG A 116 2.09 -17.28 4.23
C ARG A 116 2.81 -16.59 5.38
N ALA A 117 2.27 -16.77 6.60
CA ALA A 117 2.82 -16.16 7.81
C ALA A 117 4.29 -16.45 8.05
N GLY A 118 5.09 -15.43 8.40
CA GLY A 118 6.49 -15.61 8.71
C GLY A 118 7.44 -15.47 7.55
N THR A 119 6.93 -15.49 6.31
CA THR A 119 7.75 -15.38 5.11
C THR A 119 8.59 -14.12 5.09
N ILE A 120 9.89 -14.27 4.95
CA ILE A 120 10.83 -13.20 4.81
C ILE A 120 11.45 -13.36 3.41
N LEU A 121 11.51 -12.31 2.60
CA LEU A 121 12.15 -12.36 1.29
C LEU A 121 13.66 -12.16 1.40
N ALA A 122 14.37 -12.79 0.48
CA ALA A 122 15.81 -12.56 0.43
C ALA A 122 16.11 -11.13 -0.06
N ASN A 123 17.32 -10.66 0.23
CA ASN A 123 17.82 -9.38 -0.20
C ASN A 123 17.74 -9.38 -1.70
N ASN A 124 17.34 -8.20 -2.16
CA ASN A 124 17.17 -7.89 -3.55
C ASN A 124 16.13 -8.69 -4.31
N SER A 125 15.03 -9.12 -3.66
CA SER A 125 13.96 -9.82 -4.34
C SER A 125 13.21 -8.85 -5.23
N PRO A 126 12.69 -9.30 -6.37
CA PRO A 126 11.91 -8.48 -7.31
C PRO A 126 10.52 -8.17 -6.81
N CYS A 127 10.30 -6.88 -6.61
CA CYS A 127 8.99 -6.37 -6.18
C CYS A 127 8.66 -5.12 -6.95
N TYR A 128 7.37 -4.87 -7.17
CA TYR A 128 6.89 -3.65 -7.79
C TYR A 128 6.07 -2.84 -6.78
N ILE A 129 6.28 -1.51 -6.69
CA ILE A 129 5.35 -0.68 -5.91
C ILE A 129 4.34 -0.09 -6.86
N THR A 130 3.08 0.00 -6.48
CA THR A 130 2.14 0.66 -7.35
C THR A 130 1.35 1.78 -6.64
N GLY A 131 0.94 2.83 -7.35
CA GLY A 131 0.07 3.83 -6.74
C GLY A 131 -0.08 5.10 -7.58
N TRP A 132 -0.97 5.97 -7.08
CA TRP A 132 -1.29 7.26 -7.71
C TRP A 132 -0.70 8.45 -6.96
N GLY A 133 0.22 8.18 -6.03
CA GLY A 133 0.86 9.21 -5.24
C GLY A 133 1.77 10.12 -6.04
N LEU A 134 2.41 11.06 -5.33
CA LEU A 134 3.25 12.09 -5.93
C LEU A 134 4.35 11.50 -6.76
N THR A 135 4.52 12.11 -7.92
CA THR A 135 5.54 11.62 -8.82
C THR A 135 6.90 12.28 -8.64
N ARG A 136 6.97 13.29 -7.76
CA ARG A 136 8.21 13.95 -7.39
C ARG A 136 7.98 14.33 -5.94
N THR A 137 9.05 14.51 -5.16
CA THR A 137 8.98 15.06 -3.80
C THR A 137 8.32 16.45 -3.91
N ASN A 138 7.28 16.70 -3.13
CA ASN A 138 6.51 17.95 -3.17
C ASN A 138 5.95 18.25 -4.55
N GLY A 139 5.66 17.20 -5.34
CA GLY A 139 5.06 17.34 -6.67
C GLY A 139 3.56 17.22 -6.58
N GLN A 140 3.00 16.61 -7.60
CA GLN A 140 1.58 16.32 -7.59
C GLN A 140 1.23 14.85 -7.83
N LEU A 141 -0.01 14.44 -7.51
CA LEU A 141 -0.50 13.08 -7.73
C LEU A 141 -0.46 12.65 -9.19
N ALA A 142 -0.33 11.36 -9.42
CA ALA A 142 -0.39 10.86 -10.78
C ALA A 142 -1.87 10.80 -11.17
N GLN A 143 -2.18 11.05 -12.44
CA GLN A 143 -3.55 10.80 -12.91
C GLN A 143 -3.79 9.33 -13.20
N THR A 144 -2.79 8.61 -13.72
CA THR A 144 -2.92 7.19 -14.05
C THR A 144 -2.02 6.33 -13.14
N LEU A 145 -2.39 5.06 -12.90
CA LEU A 145 -1.62 4.21 -12.00
C LEU A 145 -0.17 4.05 -12.49
N GLN A 146 0.78 4.23 -11.56
CA GLN A 146 2.20 4.12 -11.86
C GLN A 146 2.78 2.88 -11.20
N GLN A 147 3.86 2.36 -11.74
CA GLN A 147 4.58 1.28 -11.07
C GLN A 147 6.07 1.52 -11.16
N ALA A 148 6.81 1.04 -10.18
CA ALA A 148 8.25 1.19 -10.18
C ALA A 148 8.85 -0.11 -9.68
N TYR A 149 10.00 -0.51 -10.24
CA TYR A 149 10.66 -1.73 -9.85
C TYR A 149 11.43 -1.37 -8.60
N LEU A 150 11.14 -2.08 -7.52
CA LEU A 150 11.67 -1.71 -6.22
C LEU A 150 12.13 -2.97 -5.50
N PRO A 151 13.32 -3.50 -5.77
CA PRO A 151 13.86 -4.70 -5.15
C PRO A 151 14.08 -4.60 -3.67
N THR A 152 13.96 -5.67 -2.90
CA THR A 152 14.04 -5.51 -1.47
C THR A 152 15.44 -5.28 -0.93
N VAL A 153 15.49 -4.70 0.28
CA VAL A 153 16.74 -4.44 1.00
C VAL A 153 16.47 -5.20 2.29
N ASP A 154 17.26 -6.23 2.63
CA ASP A 154 16.89 -6.99 3.82
C ASP A 154 17.13 -6.24 5.11
N TYR A 155 16.63 -6.80 6.20
CA TYR A 155 16.61 -6.12 7.47
C TYR A 155 17.97 -5.79 7.98
N ALA A 156 18.95 -6.66 7.81
CA ALA A 156 20.28 -6.38 8.29
C ALA A 156 20.90 -5.18 7.61
N ILE A 157 20.63 -4.98 6.31
CA ILE A 157 21.14 -3.81 5.63
C ILE A 157 20.27 -2.59 5.94
N CYS A 158 18.94 -2.74 5.95
CA CYS A 158 18.06 -1.61 6.15
C CYS A 158 18.19 -0.97 7.53
N SER A 159 18.47 -1.79 8.55
CA SER A 159 18.61 -1.22 9.86
C SER A 159 20.05 -0.90 10.18
N SER A 160 20.97 -0.92 9.22
CA SER A 160 22.34 -0.56 9.52
C SER A 160 22.37 0.95 9.58
N SER A 161 23.34 1.52 10.30
CA SER A 161 23.35 2.95 10.53
C SER A 161 23.42 3.83 9.27
N SER A 162 23.92 3.36 8.13
CA SER A 162 23.94 4.20 6.92
C SER A 162 22.60 4.28 6.15
N TYR A 163 21.66 3.39 6.52
CA TYR A 163 20.30 3.35 5.97
C TYR A 163 19.32 3.91 6.99
N TRP A 164 18.38 3.16 7.57
CA TRP A 164 17.40 3.72 8.48
C TRP A 164 17.74 3.53 9.94
N GLY A 165 18.73 2.71 10.23
CA GLY A 165 19.10 2.41 11.61
C GLY A 165 17.97 1.73 12.35
N SER A 166 17.89 2.14 13.63
CA SER A 166 16.87 1.74 14.58
C SER A 166 15.42 1.97 14.21
N THR A 167 15.16 2.90 13.31
CA THR A 167 13.79 3.23 12.96
C THR A 167 13.14 2.03 12.29
N VAL A 168 13.84 1.17 11.52
CA VAL A 168 13.10 0.04 10.94
C VAL A 168 13.18 -1.16 11.86
N LYS A 169 12.04 -1.81 11.94
CA LYS A 169 11.86 -2.98 12.74
C LYS A 169 11.80 -4.17 11.79
N ASN A 170 11.94 -5.36 12.37
CA ASN A 170 11.80 -6.60 11.63
C ASN A 170 10.33 -6.88 11.20
N SER A 171 9.30 -6.16 11.75
CA SER A 171 7.92 -6.23 11.28
C SER A 171 7.72 -5.35 10.02
N MET A 172 8.79 -4.86 9.39
CA MET A 172 8.73 -4.01 8.20
C MET A 172 9.58 -4.60 7.06
N VAL A 173 9.24 -4.26 5.82
CA VAL A 173 10.03 -4.59 4.62
C VAL A 173 10.55 -3.28 4.03
N CYS A 174 11.79 -3.24 3.61
CA CYS A 174 12.40 -2.09 2.97
C CYS A 174 12.56 -2.43 1.51
N ALA A 175 12.24 -1.52 0.59
CA ALA A 175 12.48 -1.78 -0.83
C ALA A 175 12.95 -0.49 -1.49
N GLY A 176 13.92 -0.58 -2.43
CA GLY A 176 14.42 0.57 -3.14
C GLY A 176 15.65 1.20 -2.55
N GLY A 177 15.64 2.52 -2.42
CA GLY A 177 16.80 3.22 -1.86
C GLY A 177 17.84 3.66 -2.88
N ASP A 178 17.59 3.52 -4.17
CA ASP A 178 18.57 3.92 -5.19
C ASP A 178 18.67 5.43 -5.45
N GLY A 179 17.79 6.24 -4.87
CA GLY A 179 17.81 7.68 -5.08
C GLY A 179 16.98 8.09 -6.29
N VAL A 180 16.42 7.16 -7.06
CA VAL A 180 15.63 7.42 -8.26
C VAL A 180 14.15 7.07 -8.17
N ARG A 181 13.93 5.92 -7.55
CA ARG A 181 12.64 5.28 -7.51
C ARG A 181 12.21 5.13 -6.08
N SER A 182 10.97 5.46 -5.79
CA SER A 182 10.43 5.27 -4.46
C SER A 182 8.94 5.43 -4.44
N GLY A 183 8.38 5.09 -3.30
CA GLY A 183 7.01 5.47 -2.97
C GLY A 183 6.98 6.96 -2.61
N CYS A 184 5.84 7.60 -2.51
CA CYS A 184 5.82 9.03 -2.12
C CYS A 184 4.44 9.28 -1.55
N GLN A 185 4.12 10.45 -0.97
CA GLN A 185 2.80 10.72 -0.41
C GLN A 185 1.67 10.35 -1.32
N GLY A 186 0.60 9.71 -0.86
CA GLY A 186 -0.53 9.24 -1.69
C GLY A 186 -0.38 7.77 -2.14
N ASP A 187 0.82 7.20 -2.03
CA ASP A 187 1.04 5.77 -2.25
C ASP A 187 0.80 4.98 -0.96
N SER A 188 0.79 5.65 0.21
CA SER A 188 0.47 5.09 1.53
C SER A 188 -0.62 4.06 1.52
N GLY A 189 -0.48 2.94 2.20
CA GLY A 189 -1.57 1.99 2.27
C GLY A 189 -1.56 0.97 1.16
N GLY A 190 -0.87 1.31 0.03
CA GLY A 190 -0.93 0.46 -1.13
C GLY A 190 0.00 -0.74 -1.05
N PRO A 191 -0.08 -1.63 -2.05
CA PRO A 191 0.75 -2.83 -2.17
C PRO A 191 2.21 -2.72 -2.63
N LEU A 192 3.02 -3.63 -2.10
CA LEU A 192 4.34 -3.92 -2.65
C LEU A 192 4.06 -5.37 -3.15
N HIS A 193 4.11 -5.59 -4.47
CA HIS A 193 3.82 -6.89 -5.10
C HIS A 193 5.15 -7.54 -5.33
N CYS A 194 5.39 -8.74 -4.80
CA CYS A 194 6.65 -9.44 -4.99
C CYS A 194 6.41 -10.82 -5.59
N LEU A 195 7.28 -11.16 -6.55
CA LEU A 195 7.21 -12.44 -7.25
C LEU A 195 7.88 -13.56 -6.44
N VAL A 196 7.05 -14.51 -6.03
CA VAL A 196 7.44 -15.66 -5.22
C VAL A 196 6.74 -16.86 -5.86
N ASN A 197 7.48 -17.87 -6.32
CA ASN A 197 6.94 -19.11 -6.89
C ASN A 197 5.98 -18.88 -8.04
N GLY A 198 6.40 -17.97 -8.92
CA GLY A 198 5.67 -17.67 -10.13
C GLY A 198 4.40 -16.90 -9.90
N GLN A 199 4.19 -16.35 -8.71
CA GLN A 199 2.93 -15.70 -8.37
C GLN A 199 3.21 -14.33 -7.74
N TYR A 200 2.61 -13.19 -8.12
CA TYR A 200 2.81 -11.96 -7.38
C TYR A 200 2.01 -11.96 -6.09
N ALA A 201 2.61 -11.79 -4.92
CA ALA A 201 1.83 -11.71 -3.71
C ALA A 201 2.09 -10.37 -3.08
N VAL A 202 1.17 -9.88 -2.28
CA VAL A 202 1.32 -8.55 -1.63
C VAL A 202 2.06 -8.74 -0.31
N HIS A 203 3.34 -8.36 -0.29
CA HIS A 203 4.21 -8.53 0.87
C HIS A 203 4.33 -7.26 1.71
N GLY A 204 3.91 -6.11 1.18
CA GLY A 204 4.06 -4.86 1.94
C GLY A 204 2.82 -3.99 1.87
N VAL A 205 2.59 -3.16 2.88
CA VAL A 205 1.58 -2.11 2.88
C VAL A 205 2.44 -0.84 3.00
N THR A 206 2.44 0.10 2.04
CA THR A 206 3.37 1.26 2.07
C THR A 206 3.13 2.13 3.31
N SER A 207 4.20 2.43 4.03
CA SER A 207 4.09 3.10 5.31
C SER A 207 4.81 4.44 5.39
N PHE A 208 6.11 4.54 5.13
CA PHE A 208 6.76 5.82 5.22
C PHE A 208 8.01 5.89 4.36
N VAL A 209 8.38 7.16 4.09
CA VAL A 209 9.59 7.54 3.41
C VAL A 209 10.26 8.61 4.28
N SER A 210 11.46 9.00 3.88
CA SER A 210 12.21 10.03 4.56
C SER A 210 11.49 11.37 4.55
N ARG A 211 11.60 12.10 5.66
CA ARG A 211 11.06 13.45 5.72
C ARG A 211 11.95 14.30 4.82
N LEU A 212 13.19 13.90 4.48
CA LEU A 212 14.03 14.67 3.58
C LEU A 212 13.63 14.63 2.11
N GLY A 213 12.88 13.60 1.72
CA GLY A 213 12.48 13.44 0.35
C GLY A 213 12.00 12.02 0.15
N CYS A 214 11.17 11.83 -0.86
CA CYS A 214 10.70 10.52 -1.20
C CYS A 214 11.80 9.64 -1.79
N ASN A 215 12.55 10.03 -2.82
CA ASN A 215 13.60 9.21 -3.42
C ASN A 215 14.93 9.65 -2.91
N VAL A 216 15.35 9.08 -1.82
CA VAL A 216 16.62 9.44 -1.20
C VAL A 216 17.48 8.17 -1.13
N THR A 217 18.72 8.34 -1.61
CA THR A 217 19.72 7.29 -1.60
C THR A 217 19.91 6.80 -0.16
N ARG A 218 19.89 5.47 -0.03
CA ARG A 218 19.99 4.75 1.24
C ARG A 218 18.87 5.02 2.23
N LYS A 219 17.73 5.53 1.77
CA LYS A 219 16.55 5.59 2.61
C LYS A 219 15.48 4.91 1.79
N PRO A 220 15.48 3.59 1.67
CA PRO A 220 14.45 2.89 0.92
C PRO A 220 13.07 3.14 1.44
N THR A 221 12.05 2.92 0.62
CA THR A 221 10.67 3.06 1.05
C THR A 221 10.41 1.95 2.08
N VAL A 222 9.63 2.25 3.14
CA VAL A 222 9.38 1.29 4.20
C VAL A 222 7.90 0.90 4.21
N PHE A 223 7.72 -0.45 4.33
CA PHE A 223 6.44 -1.11 4.25
C PHE A 223 6.12 -1.90 5.50
N THR A 224 4.85 -2.01 5.89
CA THR A 224 4.43 -2.94 6.94
C THR A 224 4.59 -4.34 6.33
N ARG A 225 5.25 -5.29 7.03
CA ARG A 225 5.43 -6.63 6.48
C ARG A 225 4.16 -7.42 6.69
N VAL A 226 3.45 -7.69 5.58
CA VAL A 226 2.14 -8.33 5.66
C VAL A 226 2.22 -9.73 6.29
N SER A 227 3.32 -10.48 6.05
CA SER A 227 3.43 -11.84 6.59
C SER A 227 3.53 -11.87 8.11
N ALA A 228 3.80 -10.72 8.77
CA ALA A 228 3.83 -10.66 10.21
C ALA A 228 2.42 -10.51 10.76
N TYR A 229 1.40 -10.33 9.93
CA TYR A 229 0.04 -10.03 10.37
C TYR A 229 -1.03 -10.97 9.92
N ILE A 230 -0.67 -12.14 9.41
CA ILE A 230 -1.66 -13.03 8.82
C ILE A 230 -2.68 -13.53 9.83
N SER A 231 -2.28 -13.89 11.05
CA SER A 231 -3.24 -14.32 12.07
C SER A 231 -4.19 -13.23 12.48
N TRP A 232 -3.72 -11.98 12.61
CA TRP A 232 -4.61 -10.87 13.00
C TRP A 232 -5.64 -10.66 11.88
N ILE A 233 -5.15 -10.61 10.61
CA ILE A 233 -6.04 -10.42 9.46
C ILE A 233 -7.09 -11.49 9.40
N ASN A 234 -6.72 -12.76 9.52
CA ASN A 234 -7.74 -13.79 9.50
C ASN A 234 -8.68 -13.81 10.69
N ASN A 235 -8.23 -13.43 11.90
CA ASN A 235 -9.09 -13.33 13.10
C ASN A 235 -10.09 -12.18 13.00
N VAL A 236 -9.79 -11.07 12.28
CA VAL A 236 -10.74 -9.97 12.08
C VAL A 236 -11.78 -10.36 11.05
N ILE A 237 -11.39 -10.96 9.94
CA ILE A 237 -12.35 -11.28 8.88
C ILE A 237 -13.36 -12.34 9.32
N ALA A 238 -12.87 -13.38 9.98
CA ALA A 238 -13.72 -14.43 10.56
C ALA A 238 -14.60 -13.95 11.73
N SER A 239 -14.26 -12.89 12.49
CA SER A 239 -15.17 -12.47 13.56
C SER A 239 -16.03 -11.26 13.23
N ASN A 240 -15.80 -10.55 12.10
CA ASN A 240 -16.60 -9.38 11.74
C ASN A 240 -17.46 -9.65 10.52
CA CA B . -11.34 6.66 -13.70
S SO4 C . 7.01 -13.43 12.13
O1 SO4 C . 6.65 -13.11 10.80
O2 SO4 C . 5.83 -13.53 12.93
O3 SO4 C . 7.90 -12.44 12.67
O4 SO4 C . 7.64 -14.70 12.15
C1 0QH D . 4.01 8.36 2.93
C2 0QH D . 4.21 7.07 2.03
O 0QH D . 4.15 9.49 2.45
F1 0QH D . 3.95 5.92 2.61
F2 0QH D . 3.47 7.04 0.95
F3 0QH D . 5.45 6.98 1.60
N 0QH D . 3.69 8.19 4.22
CA 0QH D . 4.02 9.15 5.25
C 0QH D . 5.42 9.74 5.13
O1 0QH D . 6.44 9.09 4.94
CB 0QH D . 3.83 8.43 6.58
CG 0QH D . 3.35 9.25 7.76
CD1 0QH D . 2.14 10.12 7.41
CD2 0QH D . 3.01 8.25 8.84
N1 0QH D . 6.38 12.11 4.87
N2 0QH D . 5.24 11.08 5.17
C3 0QH D . 6.52 12.12 3.38
C11 0QH D . 7.53 13.08 2.75
C21 0QH D . 8.52 12.58 1.90
C31 0QH D . 9.38 13.45 1.28
C4 0QH D . 9.29 14.84 1.47
C5 0QH D . 8.32 15.36 2.31
C6 0QH D . 7.44 14.48 2.95
C1M 0QH D . 5.61 13.31 5.41
CA2 0QH D . 7.67 11.94 5.60
CA1 0QH D . 7.63 11.72 7.10
O2 0QH D . 7.23 12.53 7.95
C12 0QH D . 8.41 9.91 8.39
N11 0QH D . 8.09 10.46 7.21
C22 0QH D . 7.65 10.07 9.56
C32 0QH D . 8.06 9.43 10.74
C41 0QH D . 9.24 8.64 10.78
C51 0QH D . 9.97 8.50 9.59
C61 0QH D . 9.57 9.13 8.42
C1' 0QH D . 9.71 7.92 12.05
C2' 0QH D . 9.02 8.39 13.34
C3' 0QH D . 11.17 8.24 12.17
#